data_5Z3F
#
_entry.id   5Z3F
#
_cell.length_a   104.830
_cell.length_b   104.830
_cell.length_c   89.450
_cell.angle_alpha   90.00
_cell.angle_beta   90.00
_cell.angle_gamma   90.00
#
_symmetry.space_group_name_H-M   'P 4 21 2'
#
loop_
_entity.id
_entity.type
_entity.pdbx_description
1 polymer 'Glycoside hydrolase 15-related protein'
2 non-polymer beta-D-glucopyranose
3 non-polymer GLYCEROL
4 non-polymer 'CITRIC ACID'
5 water water
#
_entity_poly.entity_id   1
_entity_poly.type   'polypeptide(L)'
_entity_poly.pdbx_seq_one_letter_code
;MGSSHHHHHHSSGLVPRGSHMTTSARDTGLDSHELARLHELARHSHAVITRHQDAGGAYPAAPTFSAYRGYAWLRDGSFT
AEGISRYGDVASAGRFHDWVDGVLRRRRGQVDDLLAAVDRGEVPSNEGMLPTRFTFDGNDGSDPWWDFQTDGYGMWLWSV
VTHAARHGLDLERWRAGIDVAVDYLLAFWDRPCYDWWEEHVEHRHVSTLGAIHGGLVAVGTCAALRSAPWSAATLQVAAR
IRSLVSAEGVVDGHLVKWLGSSAVDGSLPACVVPFGLVPPDDDVAAMTRAAVAKDLDVDGGVHRFAADVFYGGGQWILLS
ALLGWNLAAAGDTAGALRHLRWIADQADADGDLPAQVPHHLLHPGSRAEWVARWGTVATPLLWSHGMYLILADELGLLPP
AAKDA
;
_entity_poly.pdbx_strand_id   A
#
# COMPACT_ATOMS: atom_id res chain seq x y z
N GLY A 29 8.77 -6.20 -25.53
CA GLY A 29 7.49 -5.46 -26.04
C GLY A 29 7.67 -3.95 -26.14
N LEU A 30 8.91 -3.47 -26.14
CA LEU A 30 9.21 -2.03 -26.18
C LEU A 30 10.30 -1.78 -27.20
N ASP A 31 10.14 -0.68 -27.96
CA ASP A 31 11.18 -0.27 -28.91
C ASP A 31 12.22 0.58 -28.23
N SER A 32 13.26 0.98 -28.95
CA SER A 32 14.37 1.70 -28.33
C SER A 32 13.90 3.03 -27.77
N HIS A 33 13.00 3.71 -28.42
CA HIS A 33 12.43 4.96 -27.94
C HIS A 33 11.79 4.79 -26.59
N GLU A 34 10.92 3.81 -26.49
CA GLU A 34 10.24 3.54 -25.22
C GLU A 34 11.17 3.10 -24.12
N LEU A 35 12.12 2.22 -24.45
CA LEU A 35 13.04 1.74 -23.44
C LEU A 35 13.82 2.88 -22.89
N ALA A 36 14.32 3.76 -23.72
CA ALA A 36 15.10 4.87 -23.21
C ALA A 36 14.30 5.70 -22.27
N ARG A 37 13.03 5.97 -22.60
CA ARG A 37 12.21 6.83 -21.73
C ARG A 37 11.85 6.12 -20.43
N LEU A 38 11.54 4.83 -20.49
CA LEU A 38 11.17 4.09 -19.28
C LEU A 38 12.36 3.92 -18.37
N HIS A 39 13.55 3.69 -18.95
CA HIS A 39 14.75 3.63 -18.14
C HIS A 39 15.03 4.97 -17.45
N GLU A 40 14.87 6.08 -18.18
CA GLU A 40 15.04 7.39 -17.58
C GLU A 40 14.05 7.67 -16.46
N LEU A 41 12.79 7.27 -16.65
CA LEU A 41 11.83 7.46 -15.58
C LEU A 41 12.14 6.60 -14.37
N ALA A 42 12.71 5.42 -14.58
CA ALA A 42 13.14 4.58 -13.45
C ALA A 42 14.28 5.23 -12.70
N ARG A 43 15.30 5.73 -13.42
CA ARG A 43 16.41 6.44 -12.77
C ARG A 43 15.88 7.64 -11.99
N HIS A 44 15.02 8.43 -12.61
CA HIS A 44 14.48 9.59 -11.95
C HIS A 44 13.66 9.20 -10.73
N SER A 45 12.91 8.09 -10.82
CA SER A 45 12.11 7.63 -9.69
C SER A 45 13.00 7.32 -8.49
N HIS A 46 14.09 6.60 -8.70
CA HIS A 46 15.02 6.35 -7.65
C HIS A 46 15.57 7.65 -7.08
N ALA A 47 15.93 8.60 -7.96
CA ALA A 47 16.52 9.84 -7.51
C ALA A 47 15.56 10.66 -6.69
N VAL A 48 14.32 10.77 -7.11
N VAL A 48 14.30 10.79 -7.16
CA VAL A 48 13.42 11.66 -6.41
CA VAL A 48 13.27 11.56 -6.43
C VAL A 48 13.00 11.04 -5.04
C VAL A 48 13.09 11.02 -5.03
N ILE A 49 12.90 9.72 -4.96
CA ILE A 49 12.62 9.09 -3.69
C ILE A 49 13.76 9.28 -2.70
N THR A 50 14.98 9.02 -3.17
CA THR A 50 16.12 9.09 -2.26
C THR A 50 16.49 10.51 -1.92
N ARG A 51 16.26 11.47 -2.82
CA ARG A 51 16.54 12.87 -2.50
C ARG A 51 15.60 13.35 -1.43
N HIS A 52 14.35 12.91 -1.44
CA HIS A 52 13.35 13.38 -0.50
C HIS A 52 13.30 12.58 0.79
N GLN A 53 13.96 11.41 0.85
CA GLN A 53 14.00 10.65 2.08
C GLN A 53 14.55 11.53 3.19
N ASP A 54 13.88 11.53 4.34
CA ASP A 54 14.31 12.32 5.47
C ASP A 54 15.63 11.80 6.00
N ALA A 55 16.37 12.68 6.66
CA ALA A 55 17.61 12.32 7.31
C ALA A 55 17.44 11.11 8.30
N GLY A 56 16.32 11.01 8.95
CA GLY A 56 16.09 9.90 9.88
C GLY A 56 15.63 8.62 9.23
N GLY A 57 15.40 8.60 7.92
CA GLY A 57 15.02 7.41 7.19
C GLY A 57 13.62 7.39 6.61
N ALA A 58 12.71 8.20 7.15
CA ALA A 58 11.35 8.16 6.64
C ALA A 58 11.27 8.58 5.19
N TYR A 59 10.39 7.95 4.43
CA TYR A 59 10.00 8.47 3.12
C TYR A 59 8.77 9.36 3.32
N PRO A 60 8.84 10.63 2.90
CA PRO A 60 7.65 11.48 2.94
C PRO A 60 6.66 11.01 1.88
N ALA A 61 5.38 11.26 2.10
CA ALA A 61 4.39 10.92 1.09
C ALA A 61 4.46 11.87 -0.09
N ALA A 62 4.52 13.14 0.21
CA ALA A 62 4.28 14.16 -0.80
C ALA A 62 4.92 15.45 -0.32
N PRO A 63 6.21 15.59 -0.59
CA PRO A 63 7.00 16.68 0.01
C PRO A 63 6.64 18.08 -0.40
N THR A 64 5.94 18.25 -1.49
CA THR A 64 5.56 19.60 -1.92
C THR A 64 4.07 19.86 -1.82
N PHE A 65 3.29 18.94 -1.25
CA PHE A 65 1.87 19.08 -1.16
C PHE A 65 1.57 19.61 0.23
N SER A 66 1.14 20.85 0.35
CA SER A 66 1.09 21.52 1.64
C SER A 66 0.39 20.71 2.73
N ALA A 67 -0.77 20.15 2.43
CA ALA A 67 -1.58 19.45 3.43
C ALA A 67 -0.85 18.24 3.99
N TYR A 68 0.05 17.63 3.22
CA TYR A 68 0.74 16.41 3.62
C TYR A 68 2.20 16.65 3.98
N ARG A 69 2.70 17.86 3.86
CA ARG A 69 4.10 18.12 4.12
C ARG A 69 4.45 17.80 5.55
N GLY A 70 5.59 17.12 5.75
CA GLY A 70 6.06 16.75 7.05
C GLY A 70 5.55 15.41 7.55
N TYR A 71 4.77 14.69 6.76
CA TYR A 71 4.20 13.44 7.19
C TYR A 71 4.63 12.26 6.34
N ALA A 72 4.72 11.12 7.03
CA ALA A 72 4.98 9.81 6.43
C ALA A 72 3.83 8.89 6.76
N TRP A 73 3.50 8.03 5.80
CA TRP A 73 2.55 6.95 5.98
C TRP A 73 3.27 5.64 5.77
N LEU A 74 2.93 4.62 6.57
CA LEU A 74 3.50 3.30 6.36
C LEU A 74 3.05 2.67 5.05
N ARG A 75 1.82 2.95 4.59
CA ARG A 75 1.34 2.43 3.32
C ARG A 75 2.23 2.96 2.17
N ASP A 76 2.28 4.29 2.03
CA ASP A 76 3.08 4.86 0.97
C ASP A 76 4.53 4.43 1.11
N GLY A 77 5.02 4.48 2.35
CA GLY A 77 6.44 4.21 2.58
C GLY A 77 6.83 2.79 2.27
N SER A 78 5.97 1.83 2.59
CA SER A 78 6.28 0.43 2.38
C SER A 78 6.33 0.09 0.88
N PHE A 79 5.38 0.57 0.10
CA PHE A 79 5.47 0.36 -1.35
C PHE A 79 6.67 1.09 -1.94
N THR A 80 6.93 2.30 -1.47
CA THR A 80 8.11 3.05 -1.90
C THR A 80 9.38 2.24 -1.63
N ALA A 81 9.47 1.72 -0.39
CA ALA A 81 10.63 0.93 0.01
C ALA A 81 10.78 -0.32 -0.84
N GLU A 82 9.68 -0.97 -1.22
CA GLU A 82 9.77 -2.15 -2.06
C GLU A 82 10.30 -1.79 -3.44
N GLY A 83 9.84 -0.69 -4.03
CA GLY A 83 10.41 -0.26 -5.29
C GLY A 83 11.90 0.01 -5.21
N ILE A 84 12.32 0.67 -4.12
CA ILE A 84 13.72 0.98 -3.92
C ILE A 84 14.56 -0.27 -3.71
N SER A 85 14.01 -1.22 -2.95
CA SER A 85 14.69 -2.49 -2.72
C SER A 85 14.88 -3.27 -4.00
N ARG A 86 13.85 -3.32 -4.85
CA ARG A 86 13.95 -3.94 -6.16
C ARG A 86 14.96 -3.24 -7.04
N TYR A 87 15.04 -1.91 -6.96
CA TYR A 87 16.00 -1.14 -7.73
C TYR A 87 17.41 -1.47 -7.30
N GLY A 88 17.59 -1.88 -6.04
CA GLY A 88 18.87 -2.31 -5.53
C GLY A 88 19.52 -1.38 -4.54
N ASP A 89 18.81 -0.33 -4.12
CA ASP A 89 19.38 0.62 -3.14
C ASP A 89 19.11 0.10 -1.74
N VAL A 90 19.96 -0.84 -1.34
CA VAL A 90 19.83 -1.52 -0.06
C VAL A 90 19.94 -0.53 1.08
N ALA A 91 20.83 0.46 0.95
CA ALA A 91 21.03 1.42 2.02
C ALA A 91 19.77 2.23 2.26
N SER A 92 19.19 2.77 1.20
CA SER A 92 18.02 3.63 1.38
C SER A 92 16.84 2.85 1.95
N ALA A 93 16.56 1.68 1.40
CA ALA A 93 15.43 0.87 1.92
C ALA A 93 15.69 0.52 3.37
N GLY A 94 16.91 0.14 3.72
CA GLY A 94 17.21 -0.22 5.08
C GLY A 94 17.03 0.93 6.05
N ARG A 95 17.32 2.16 5.61
CA ARG A 95 17.11 3.31 6.48
C ARG A 95 15.62 3.54 6.74
N PHE A 96 14.78 3.29 5.74
CA PHE A 96 13.34 3.37 5.96
C PHE A 96 12.92 2.32 6.99
N HIS A 97 13.37 1.08 6.84
CA HIS A 97 13.00 0.04 7.79
C HIS A 97 13.53 0.37 9.17
N ASP A 98 14.74 0.93 9.27
CA ASP A 98 15.26 1.38 10.56
C ASP A 98 14.29 2.38 11.17
N TRP A 99 13.86 3.36 10.38
CA TRP A 99 12.99 4.39 10.91
C TRP A 99 11.70 3.78 11.43
N VAL A 100 11.04 2.94 10.62
CA VAL A 100 9.79 2.34 11.03
C VAL A 100 9.97 1.50 12.30
N ASP A 101 10.99 0.66 12.30
CA ASP A 101 11.28 -0.18 13.47
C ASP A 101 11.39 0.67 14.71
N GLY A 102 12.18 1.75 14.64
CA GLY A 102 12.36 2.57 15.82
C GLY A 102 11.07 3.25 16.25
N VAL A 103 10.28 3.69 15.30
CA VAL A 103 8.98 4.29 15.62
C VAL A 103 8.09 3.28 16.33
N LEU A 104 8.08 2.03 15.86
CA LEU A 104 7.26 0.99 16.45
C LEU A 104 7.77 0.55 17.79
N ARG A 105 9.08 0.40 17.98
CA ARG A 105 9.58 0.03 19.30
C ARG A 105 9.17 1.07 20.33
N ARG A 106 9.12 2.33 19.94
CA ARG A 106 8.67 3.38 20.85
C ARG A 106 7.21 3.24 21.25
N ARG A 107 6.42 2.49 20.49
CA ARG A 107 5.03 2.21 20.77
C ARG A 107 4.82 0.89 21.49
N ARG A 108 5.89 0.24 21.96
CA ARG A 108 5.73 -1.02 22.67
C ARG A 108 4.78 -0.89 23.85
N GLY A 109 4.98 0.18 24.64
CA GLY A 109 4.12 0.39 25.80
C GLY A 109 2.68 0.72 25.44
N GLN A 110 2.48 1.57 24.42
CA GLN A 110 1.13 1.87 23.99
C GLN A 110 0.41 0.60 23.54
N VAL A 111 1.08 -0.24 22.75
CA VAL A 111 0.47 -1.48 22.31
C VAL A 111 0.20 -2.41 23.50
N ASP A 112 1.16 -2.56 24.39
CA ASP A 112 0.93 -3.40 25.56
C ASP A 112 -0.28 -2.93 26.35
N ASP A 113 -0.42 -1.62 26.48
CA ASP A 113 -1.54 -1.05 27.24
C ASP A 113 -2.86 -1.32 26.49
N LEU A 114 -2.89 -1.21 25.17
CA LEU A 114 -4.09 -1.53 24.41
C LEU A 114 -4.49 -2.98 24.61
N LEU A 115 -3.50 -3.88 24.55
CA LEU A 115 -3.76 -5.30 24.73
C LEU A 115 -4.26 -5.60 26.11
N ALA A 116 -3.67 -4.94 27.12
CA ALA A 116 -4.13 -5.13 28.51
C ALA A 116 -5.57 -4.63 28.66
N ALA A 117 -5.92 -3.53 28.02
CA ALA A 117 -7.28 -3.02 28.05
C ALA A 117 -8.23 -4.02 27.48
N VAL A 118 -7.91 -4.59 26.31
CA VAL A 118 -8.74 -5.62 25.76
C VAL A 118 -8.91 -6.76 26.75
N ASP A 119 -7.85 -7.19 27.40
CA ASP A 119 -7.92 -8.34 28.32
C ASP A 119 -8.80 -8.03 29.52
N ARG A 120 -8.94 -6.77 29.92
CA ARG A 120 -9.85 -6.39 30.97
C ARG A 120 -11.28 -6.20 30.42
N GLY A 121 -11.58 -6.43 29.17
CA GLY A 121 -12.89 -6.19 28.61
C GLY A 121 -13.21 -4.71 28.31
N GLU A 122 -12.18 -3.85 28.17
CA GLU A 122 -12.32 -2.42 27.93
C GLU A 122 -11.75 -2.00 26.61
N VAL A 123 -12.49 -2.26 25.52
CA VAL A 123 -11.92 -2.16 24.21
C VAL A 123 -11.60 -0.73 23.91
N PRO A 124 -10.39 -0.44 23.48
CA PRO A 124 -10.03 0.94 23.27
C PRO A 124 -10.81 1.53 22.13
N SER A 125 -11.12 2.81 22.28
CA SER A 125 -11.69 3.59 21.20
C SER A 125 -10.68 3.80 20.08
N ASN A 126 -11.20 4.08 18.91
CA ASN A 126 -10.37 4.50 17.80
C ASN A 126 -9.41 5.63 18.19
N GLU A 127 -9.84 6.52 19.10
CA GLU A 127 -9.00 7.64 19.46
C GLU A 127 -7.69 7.23 20.16
N GLY A 128 -7.62 6.01 20.71
CA GLY A 128 -6.44 5.54 21.41
C GLY A 128 -5.55 4.65 20.58
N MET A 129 -5.87 4.41 19.33
CA MET A 129 -5.14 3.44 18.52
C MET A 129 -3.85 4.05 17.97
N LEU A 130 -3.01 3.18 17.36
CA LEU A 130 -1.79 3.68 16.73
C LEU A 130 -2.16 4.57 15.56
N PRO A 131 -1.29 5.52 15.21
CA PRO A 131 -1.67 6.54 14.22
C PRO A 131 -1.50 6.10 12.78
N THR A 132 -2.04 6.94 11.92
CA THR A 132 -1.86 6.82 10.48
C THR A 132 -0.71 7.72 10.02
N ARG A 133 -0.83 9.04 10.22
CA ARG A 133 0.27 9.92 9.84
C ARG A 133 1.32 9.92 10.93
N PHE A 134 2.58 9.85 10.57
CA PHE A 134 3.70 10.05 11.48
C PHE A 134 4.46 11.27 11.07
N THR A 135 4.93 12.01 12.07
CA THR A 135 5.95 13.00 11.82
C THR A 135 7.28 12.27 11.64
N PHE A 136 8.29 13.00 11.12
CA PHE A 136 9.56 12.35 10.82
C PHE A 136 10.31 11.96 12.07
N ASP A 137 9.98 12.56 13.22
CA ASP A 137 10.46 12.17 14.53
C ASP A 137 9.56 11.14 15.23
N GLY A 138 8.61 10.55 14.51
CA GLY A 138 7.89 9.41 15.02
C GLY A 138 6.70 9.64 15.92
N ASN A 139 6.23 10.90 15.98
CA ASN A 139 5.06 11.23 16.76
C ASN A 139 3.81 11.10 15.91
N ASP A 140 2.63 11.08 16.53
CA ASP A 140 1.39 11.12 15.81
C ASP A 140 1.33 12.41 15.01
N GLY A 141 1.09 12.28 13.72
CA GLY A 141 0.86 13.42 12.87
C GLY A 141 -0.58 13.77 12.63
N SER A 142 -1.49 12.90 13.11
CA SER A 142 -2.90 13.06 12.94
C SER A 142 -3.59 12.34 14.09
N ASP A 143 -4.86 12.61 14.28
CA ASP A 143 -5.64 12.03 15.34
C ASP A 143 -6.37 10.81 14.83
N PRO A 144 -6.09 9.59 15.41
CA PRO A 144 -6.73 8.39 14.84
C PRO A 144 -8.22 8.33 14.98
N TRP A 145 -8.85 9.18 15.82
CA TRP A 145 -10.32 9.22 15.72
C TRP A 145 -10.75 9.49 14.27
N TRP A 146 -10.03 10.41 13.60
CA TRP A 146 -10.38 10.87 12.29
C TRP A 146 -9.80 10.06 11.15
N ASP A 147 -8.81 9.19 11.42
CA ASP A 147 -8.17 8.47 10.35
C ASP A 147 -7.62 7.09 10.69
N PHE A 148 -8.11 6.47 11.76
CA PHE A 148 -7.68 5.14 12.20
C PHE A 148 -7.65 4.14 11.03
N GLN A 149 -6.45 3.57 10.82
N GLN A 149 -6.48 3.54 10.82
CA GLN A 149 -6.18 2.59 9.75
CA GLN A 149 -6.24 2.57 9.75
C GLN A 149 -5.27 1.52 10.27
C GLN A 149 -5.28 1.53 10.24
N THR A 150 -5.48 0.26 9.87
CA THR A 150 -4.58 -0.81 10.24
C THR A 150 -3.74 -1.33 9.08
N ASP A 151 -4.04 -0.95 7.85
CA ASP A 151 -3.38 -1.56 6.70
C ASP A 151 -1.90 -1.31 6.68
N GLY A 152 -1.43 -0.13 7.10
CA GLY A 152 -0.05 0.21 6.91
C GLY A 152 0.89 -0.67 7.72
N TYR A 153 0.43 -1.12 8.90
CA TYR A 153 1.23 -2.02 9.71
C TYR A 153 1.40 -3.36 9.02
N GLY A 154 0.33 -3.85 8.36
CA GLY A 154 0.46 -5.07 7.58
C GLY A 154 1.38 -4.92 6.39
N MET A 155 1.27 -3.79 5.70
N MET A 155 1.26 -3.80 5.68
CA MET A 155 2.14 -3.52 4.57
CA MET A 155 2.15 -3.53 4.56
C MET A 155 3.60 -3.46 4.99
C MET A 155 3.60 -3.52 5.02
N TRP A 156 3.88 -2.90 6.17
CA TRP A 156 5.26 -2.81 6.59
C TRP A 156 5.86 -4.19 6.84
N LEU A 157 5.10 -5.06 7.50
CA LEU A 157 5.58 -6.43 7.72
C LEU A 157 5.90 -7.11 6.40
N TRP A 158 5.00 -7.01 5.42
CA TRP A 158 5.26 -7.56 4.11
C TRP A 158 6.54 -6.97 3.52
N SER A 159 6.67 -5.66 3.58
CA SER A 159 7.79 -4.98 2.97
CA SER A 159 7.81 -5.02 2.94
C SER A 159 9.14 -5.39 3.58
N VAL A 160 9.22 -5.39 4.90
CA VAL A 160 10.51 -5.64 5.54
C VAL A 160 10.92 -7.09 5.33
N VAL A 161 9.98 -8.04 5.42
CA VAL A 161 10.31 -9.43 5.16
C VAL A 161 10.78 -9.60 3.73
N THR A 162 10.06 -9.00 2.78
CA THR A 162 10.41 -9.16 1.38
C THR A 162 11.79 -8.60 1.08
N HIS A 163 12.10 -7.43 1.65
CA HIS A 163 13.40 -6.80 1.51
C HIS A 163 14.50 -7.69 2.06
N ALA A 164 14.32 -8.21 3.28
CA ALA A 164 15.33 -9.04 3.88
C ALA A 164 15.59 -10.29 3.10
N ALA A 165 14.53 -10.89 2.56
CA ALA A 165 14.68 -12.11 1.73
C ALA A 165 15.43 -11.77 0.47
N ARG A 166 15.10 -10.68 -0.17
CA ARG A 166 15.73 -10.31 -1.44
C ARG A 166 17.23 -10.11 -1.27
N HIS A 167 17.65 -9.48 -0.19
CA HIS A 167 19.02 -9.05 -0.02
C HIS A 167 19.78 -9.86 1.00
N GLY A 168 19.20 -10.93 1.51
CA GLY A 168 19.92 -11.82 2.42
C GLY A 168 20.25 -11.19 3.75
N LEU A 169 19.31 -10.45 4.32
CA LEU A 169 19.56 -9.68 5.54
C LEU A 169 18.96 -10.37 6.75
N ASP A 170 19.58 -10.12 7.90
CA ASP A 170 19.13 -10.66 9.19
C ASP A 170 18.00 -9.81 9.75
N LEU A 171 16.81 -10.36 9.82
CA LEU A 171 15.65 -9.66 10.36
C LEU A 171 15.74 -9.29 11.81
N GLU A 172 16.70 -9.83 12.56
CA GLU A 172 16.85 -9.40 13.94
C GLU A 172 17.12 -7.90 14.04
N ARG A 173 17.68 -7.29 12.98
N ARG A 173 17.67 -7.30 12.98
CA ARG A 173 17.86 -5.84 12.93
CA ARG A 173 17.87 -5.85 12.93
C ARG A 173 16.56 -5.07 13.21
C ARG A 173 16.57 -5.07 13.20
N TRP A 174 15.43 -5.64 12.77
CA TRP A 174 14.12 -4.97 12.83
C TRP A 174 13.11 -5.76 13.65
N ARG A 175 13.54 -6.83 14.31
CA ARG A 175 12.61 -7.76 14.92
C ARG A 175 11.77 -7.16 16.03
N ALA A 176 12.34 -6.33 16.92
CA ALA A 176 11.53 -5.83 18.02
C ALA A 176 10.41 -4.93 17.51
N GLY A 177 10.62 -4.22 16.39
CA GLY A 177 9.55 -3.47 15.79
C GLY A 177 8.51 -4.36 15.10
N ILE A 178 9.00 -5.40 14.43
CA ILE A 178 8.11 -6.44 13.90
C ILE A 178 7.20 -6.98 14.99
N ASP A 179 7.76 -7.26 16.17
CA ASP A 179 6.97 -7.82 17.27
C ASP A 179 5.83 -6.89 17.66
N VAL A 180 6.09 -5.60 17.73
CA VAL A 180 5.03 -4.64 18.05
C VAL A 180 3.92 -4.70 17.00
N ALA A 181 4.30 -4.64 15.72
CA ALA A 181 3.31 -4.66 14.66
C ALA A 181 2.50 -5.97 14.67
N VAL A 182 3.16 -7.11 14.86
CA VAL A 182 2.45 -8.38 14.89
C VAL A 182 1.47 -8.41 16.05
N ASP A 183 1.92 -8.05 17.25
CA ASP A 183 1.02 -8.10 18.40
C ASP A 183 -0.19 -7.21 18.18
N TYR A 184 0.03 -6.03 17.62
CA TYR A 184 -1.06 -5.10 17.33
C TYR A 184 -2.07 -5.70 16.33
N LEU A 185 -1.56 -6.23 15.21
CA LEU A 185 -2.44 -6.77 14.19
C LEU A 185 -3.18 -8.02 14.65
N LEU A 186 -2.52 -8.88 15.41
CA LEU A 186 -3.24 -10.08 15.89
C LEU A 186 -4.43 -9.70 16.73
N ALA A 187 -4.32 -8.60 17.48
CA ALA A 187 -5.42 -8.12 18.32
C ALA A 187 -6.51 -7.39 17.56
N PHE A 188 -6.14 -6.63 16.53
CA PHE A 188 -7.04 -5.62 15.97
C PHE A 188 -7.38 -5.77 14.50
N TRP A 189 -6.96 -6.88 13.87
CA TRP A 189 -7.18 -7.03 12.45
C TRP A 189 -8.63 -6.96 12.04
N ASP A 190 -9.55 -7.41 12.92
CA ASP A 190 -10.95 -7.56 12.58
C ASP A 190 -11.79 -6.35 12.95
N ARG A 191 -11.16 -5.27 13.36
CA ARG A 191 -11.86 -4.04 13.70
C ARG A 191 -12.22 -3.24 12.46
N PRO A 192 -13.43 -2.63 12.43
CA PRO A 192 -13.71 -1.62 11.42
C PRO A 192 -12.68 -0.50 11.48
N CYS A 193 -12.33 0.04 10.32
CA CYS A 193 -11.42 1.17 10.30
C CYS A 193 -11.59 1.91 8.97
N TYR A 194 -10.97 3.09 8.87
CA TYR A 194 -10.96 3.79 7.60
C TYR A 194 -10.14 2.98 6.57
N ASP A 195 -10.52 3.10 5.32
CA ASP A 195 -9.88 2.38 4.24
C ASP A 195 -8.56 3.01 3.82
N TRP A 196 -7.95 2.48 2.76
CA TRP A 196 -6.71 3.05 2.22
C TRP A 196 -6.88 4.51 1.89
N TRP A 197 -8.10 4.90 1.56
CA TRP A 197 -8.46 6.24 1.11
C TRP A 197 -8.94 7.10 2.24
N GLU A 198 -8.80 6.61 3.48
CA GLU A 198 -9.06 7.39 4.66
C GLU A 198 -10.53 7.69 4.77
N GLU A 199 -11.40 6.75 4.33
CA GLU A 199 -12.85 6.88 4.36
C GLU A 199 -13.57 5.67 5.03
N HIS A 200 -14.81 5.90 5.47
CA HIS A 200 -15.75 4.82 5.84
C HIS A 200 -15.29 3.97 7.02
N VAL A 201 -15.13 4.61 8.18
CA VAL A 201 -14.59 4.00 9.38
C VAL A 201 -15.42 2.85 9.91
N GLU A 202 -16.71 2.77 9.59
CA GLU A 202 -17.55 1.74 10.12
C GLU A 202 -17.41 0.41 9.41
N HIS A 203 -16.78 0.40 8.24
CA HIS A 203 -16.69 -0.80 7.42
C HIS A 203 -15.35 -1.51 7.60
N ARG A 204 -15.29 -2.71 7.04
CA ARG A 204 -14.08 -3.55 7.04
C ARG A 204 -13.73 -3.77 5.58
N HIS A 205 -12.57 -3.24 5.21
CA HIS A 205 -12.23 -3.03 3.81
C HIS A 205 -11.37 -4.17 3.31
N VAL A 206 -11.70 -4.72 2.15
CA VAL A 206 -11.02 -5.93 1.69
C VAL A 206 -9.54 -5.66 1.42
N SER A 207 -9.15 -4.51 0.90
CA SER A 207 -7.72 -4.28 0.69
C SER A 207 -6.99 -3.96 1.99
N THR A 208 -7.69 -3.58 3.06
CA THR A 208 -7.09 -3.46 4.38
C THR A 208 -6.86 -4.85 4.97
N LEU A 209 -7.90 -5.68 4.97
CA LEU A 209 -7.76 -7.07 5.36
C LEU A 209 -6.68 -7.74 4.55
N GLY A 210 -6.60 -7.45 3.25
CA GLY A 210 -5.59 -8.05 2.40
C GLY A 210 -4.19 -7.64 2.81
N ALA A 211 -3.97 -6.36 3.08
CA ALA A 211 -2.66 -5.89 3.53
C ALA A 211 -2.24 -6.58 4.81
N ILE A 212 -3.15 -6.71 5.76
CA ILE A 212 -2.84 -7.40 7.01
C ILE A 212 -2.48 -8.85 6.72
N HIS A 213 -3.29 -9.52 5.91
CA HIS A 213 -3.00 -10.90 5.50
C HIS A 213 -1.62 -11.01 4.92
N GLY A 214 -1.27 -10.13 3.98
CA GLY A 214 0.03 -10.20 3.38
C GLY A 214 1.16 -10.10 4.37
N GLY A 215 1.05 -9.19 5.32
CA GLY A 215 2.07 -9.06 6.34
C GLY A 215 2.15 -10.28 7.26
N LEU A 216 1.00 -10.79 7.67
CA LEU A 216 0.99 -11.96 8.55
C LEU A 216 1.52 -13.20 7.87
N VAL A 217 1.17 -13.44 6.61
CA VAL A 217 1.72 -14.59 5.90
C VAL A 217 3.21 -14.40 5.70
N ALA A 218 3.66 -13.18 5.42
CA ALA A 218 5.09 -12.95 5.24
C ALA A 218 5.86 -13.35 6.49
N VAL A 219 5.45 -12.92 7.68
CA VAL A 219 6.17 -13.29 8.86
C VAL A 219 5.96 -14.75 9.24
N GLY A 220 4.76 -15.29 9.03
CA GLY A 220 4.46 -16.64 9.43
C GLY A 220 5.09 -17.72 8.58
N THR A 221 5.57 -17.35 7.41
CA THR A 221 6.25 -18.27 6.50
C THR A 221 7.73 -17.96 6.38
N CYS A 222 8.25 -17.08 7.21
CA CYS A 222 9.66 -16.68 7.15
C CYS A 222 10.49 -17.56 8.05
N ALA A 223 11.42 -18.30 7.47
CA ALA A 223 12.22 -19.24 8.24
C ALA A 223 13.00 -18.59 9.36
N ALA A 224 13.47 -17.35 9.15
CA ALA A 224 14.22 -16.65 10.18
C ALA A 224 13.37 -16.36 11.41
N LEU A 225 12.04 -16.38 11.25
CA LEU A 225 11.10 -16.06 12.29
C LEU A 225 10.38 -17.30 12.83
N ARG A 226 10.91 -18.48 12.53
CA ARG A 226 10.25 -19.76 12.87
C ARG A 226 10.04 -19.97 14.35
N SER A 227 10.87 -19.35 15.20
CA SER A 227 10.77 -19.54 16.61
C SER A 227 10.06 -18.39 17.33
N ALA A 228 9.55 -17.41 16.58
CA ALA A 228 8.85 -16.32 17.23
C ALA A 228 7.65 -16.87 17.97
N PRO A 229 7.29 -16.28 19.13
CA PRO A 229 6.16 -16.80 19.87
C PRO A 229 4.82 -16.73 19.13
N TRP A 230 4.71 -15.80 18.22
CA TRP A 230 3.52 -15.56 17.42
C TRP A 230 3.52 -16.28 16.09
N SER A 231 4.53 -17.10 15.81
CA SER A 231 4.66 -17.70 14.48
C SER A 231 3.38 -18.38 14.00
N ALA A 232 2.88 -19.36 14.78
CA ALA A 232 1.69 -20.09 14.34
C ALA A 232 0.47 -19.20 14.29
N ALA A 233 0.33 -18.30 15.26
CA ALA A 233 -0.82 -17.44 15.34
C ALA A 233 -0.97 -16.61 14.07
N THR A 234 0.15 -16.14 13.50
CA THR A 234 0.05 -15.31 12.32
C THR A 234 -0.64 -16.03 11.16
N LEU A 235 -0.31 -17.32 10.97
CA LEU A 235 -0.94 -18.07 9.88
C LEU A 235 -2.39 -18.41 10.21
N GLN A 236 -2.71 -18.63 11.49
CA GLN A 236 -4.09 -18.91 11.85
C GLN A 236 -4.97 -17.68 11.63
N VAL A 237 -4.48 -16.50 12.03
CA VAL A 237 -5.21 -15.26 11.80
C VAL A 237 -5.32 -14.98 10.32
N ALA A 238 -4.25 -15.21 9.54
CA ALA A 238 -4.38 -15.02 8.10
C ALA A 238 -5.50 -15.90 7.53
N ALA A 239 -5.62 -17.15 8.04
CA ALA A 239 -6.71 -18.01 7.59
C ALA A 239 -8.08 -17.44 7.99
N ARG A 240 -8.16 -16.85 9.19
N ARG A 240 -8.16 -16.84 9.18
CA ARG A 240 -9.39 -16.20 9.62
CA ARG A 240 -9.41 -16.20 9.61
C ARG A 240 -9.76 -15.03 8.72
C ARG A 240 -9.77 -14.99 8.76
N ILE A 241 -8.77 -14.24 8.29
CA ILE A 241 -9.01 -13.16 7.35
C ILE A 241 -9.60 -13.72 6.07
N ARG A 242 -8.97 -14.77 5.53
CA ARG A 242 -9.49 -15.37 4.30
C ARG A 242 -10.90 -15.89 4.48
N SER A 243 -11.21 -16.46 5.64
CA SER A 243 -12.58 -16.91 5.90
C SER A 243 -13.57 -15.75 5.82
N LEU A 244 -13.20 -14.63 6.41
CA LEU A 244 -14.07 -13.48 6.44
C LEU A 244 -14.29 -12.93 5.02
N VAL A 245 -13.21 -12.83 4.23
CA VAL A 245 -13.34 -12.41 2.87
C VAL A 245 -14.17 -13.38 2.03
N SER A 246 -13.96 -14.68 2.24
N SER A 246 -13.97 -14.69 2.23
CA SER A 246 -14.79 -15.65 1.54
CA SER A 246 -14.79 -15.64 1.51
C SER A 246 -16.27 -15.42 1.84
C SER A 246 -16.28 -15.50 1.84
N ALA A 247 -16.59 -15.21 3.10
CA ALA A 247 -17.97 -15.13 3.54
C ALA A 247 -18.67 -13.85 3.11
N GLU A 248 -17.93 -12.72 3.10
CA GLU A 248 -18.56 -11.42 2.95
C GLU A 248 -17.90 -10.50 1.95
N GLY A 249 -16.77 -10.91 1.38
CA GLY A 249 -15.97 -10.08 0.52
C GLY A 249 -15.84 -10.52 -0.91
N VAL A 250 -16.71 -11.45 -1.35
CA VAL A 250 -16.74 -11.92 -2.71
C VAL A 250 -18.18 -11.92 -3.19
N VAL A 251 -18.45 -11.30 -4.35
CA VAL A 251 -19.77 -11.25 -4.93
C VAL A 251 -19.60 -11.47 -6.42
N ASP A 252 -20.44 -12.29 -7.02
CA ASP A 252 -20.41 -12.50 -8.46
C ASP A 252 -19.00 -12.89 -8.92
N GLY A 253 -18.28 -13.64 -8.07
CA GLY A 253 -16.96 -14.15 -8.42
C GLY A 253 -15.79 -13.21 -8.21
N HIS A 254 -16.04 -11.96 -7.81
CA HIS A 254 -14.96 -11.01 -7.61
C HIS A 254 -14.90 -10.50 -6.19
N LEU A 255 -13.72 -10.07 -5.76
CA LEU A 255 -13.61 -9.35 -4.50
C LEU A 255 -14.43 -8.07 -4.58
N VAL A 256 -14.83 -7.55 -3.41
CA VAL A 256 -15.55 -6.31 -3.29
C VAL A 256 -14.83 -5.36 -2.35
N LYS A 257 -15.25 -4.09 -2.42
CA LYS A 257 -14.57 -3.00 -1.77
C LYS A 257 -14.54 -3.14 -0.25
N TRP A 258 -15.68 -3.40 0.37
CA TRP A 258 -15.72 -3.69 1.80
C TRP A 258 -16.67 -4.86 2.00
N LEU A 259 -16.53 -5.52 3.13
CA LEU A 259 -17.37 -6.66 3.42
C LEU A 259 -18.82 -6.22 3.32
N GLY A 260 -19.67 -6.97 2.63
CA GLY A 260 -21.05 -6.61 2.53
C GLY A 260 -21.37 -5.56 1.46
N SER A 261 -20.41 -5.21 0.61
N SER A 261 -20.45 -5.21 0.60
CA SER A 261 -20.62 -4.31 -0.52
CA SER A 261 -20.75 -4.32 -0.52
C SER A 261 -20.66 -5.10 -1.82
C SER A 261 -20.78 -5.14 -1.80
N SER A 262 -21.26 -4.51 -2.85
CA SER A 262 -21.21 -5.08 -4.19
C SER A 262 -20.16 -4.43 -5.09
N ALA A 263 -19.72 -3.23 -4.74
CA ALA A 263 -18.83 -2.44 -5.58
C ALA A 263 -17.40 -2.95 -5.51
N VAL A 264 -16.62 -2.61 -6.53
CA VAL A 264 -15.20 -2.84 -6.50
C VAL A 264 -14.44 -1.56 -6.18
N ASP A 265 -13.16 -1.72 -5.87
CA ASP A 265 -12.24 -0.64 -5.57
C ASP A 265 -10.93 -0.96 -6.30
N GLY A 266 -10.25 0.06 -6.78
CA GLY A 266 -9.02 -0.15 -7.51
C GLY A 266 -7.89 -0.73 -6.68
N SER A 267 -7.99 -0.68 -5.36
CA SER A 267 -6.99 -1.32 -4.50
C SER A 267 -7.12 -2.82 -4.47
N LEU A 268 -8.24 -3.39 -4.91
CA LEU A 268 -8.48 -4.82 -4.71
C LEU A 268 -7.45 -5.74 -5.33
N PRO A 269 -6.85 -5.43 -6.49
CA PRO A 269 -5.84 -6.35 -7.02
C PRO A 269 -4.67 -6.59 -6.07
N ALA A 270 -4.40 -5.68 -5.13
CA ALA A 270 -3.34 -5.92 -4.15
C ALA A 270 -3.60 -7.17 -3.33
N CYS A 271 -4.87 -7.57 -3.20
CA CYS A 271 -5.21 -8.79 -2.48
C CYS A 271 -4.77 -10.06 -3.21
N VAL A 272 -4.43 -9.92 -4.48
CA VAL A 272 -3.87 -11.01 -5.28
C VAL A 272 -2.37 -10.89 -5.17
N VAL A 273 -1.78 -9.93 -5.90
CA VAL A 273 -0.36 -9.61 -5.77
C VAL A 273 -0.27 -8.18 -5.25
N PRO A 274 0.44 -7.95 -4.13
CA PRO A 274 1.38 -8.88 -3.46
C PRO A 274 0.83 -9.63 -2.28
N PHE A 275 -0.42 -9.38 -1.85
CA PHE A 275 -0.82 -9.84 -0.52
C PHE A 275 -1.33 -11.28 -0.45
N GLY A 276 -1.64 -11.92 -1.57
CA GLY A 276 -1.72 -13.37 -1.60
C GLY A 276 -2.97 -14.05 -1.03
N LEU A 277 -4.10 -13.38 -1.04
CA LEU A 277 -5.32 -14.09 -0.63
C LEU A 277 -5.63 -15.26 -1.55
N VAL A 278 -5.38 -15.08 -2.84
CA VAL A 278 -5.58 -16.08 -3.88
C VAL A 278 -4.39 -16.00 -4.86
N PRO A 279 -4.10 -17.13 -5.57
CA PRO A 279 -3.03 -17.07 -6.61
C PRO A 279 -3.48 -16.17 -7.79
N PRO A 280 -2.51 -15.69 -8.62
CA PRO A 280 -2.87 -14.87 -9.79
C PRO A 280 -3.78 -15.58 -10.79
N ASP A 281 -3.70 -16.90 -10.85
CA ASP A 281 -4.53 -17.66 -11.79
C ASP A 281 -5.86 -18.09 -11.20
N ASP A 282 -6.17 -17.72 -9.96
CA ASP A 282 -7.44 -18.09 -9.39
C ASP A 282 -8.58 -17.40 -10.12
N ASP A 283 -9.74 -18.05 -10.21
CA ASP A 283 -10.88 -17.39 -10.83
C ASP A 283 -11.23 -16.06 -10.16
N VAL A 284 -11.11 -15.98 -8.84
CA VAL A 284 -11.42 -14.74 -8.15
C VAL A 284 -10.45 -13.64 -8.55
N ALA A 285 -9.17 -14.01 -8.74
CA ALA A 285 -8.19 -13.04 -9.21
C ALA A 285 -8.56 -12.53 -10.59
N ALA A 286 -8.84 -13.44 -11.51
CA ALA A 286 -9.21 -13.05 -12.87
C ALA A 286 -10.45 -12.18 -12.89
N MET A 287 -11.46 -12.60 -12.13
N MET A 287 -11.45 -12.58 -12.12
CA MET A 287 -12.70 -11.84 -12.12
CA MET A 287 -12.70 -11.82 -12.13
C MET A 287 -12.52 -10.48 -11.49
C MET A 287 -12.58 -10.49 -11.44
N THR A 288 -11.68 -10.38 -10.47
CA THR A 288 -11.40 -9.10 -9.83
C THR A 288 -10.64 -8.16 -10.76
N ARG A 289 -9.60 -8.68 -11.43
CA ARG A 289 -8.93 -7.85 -12.43
C ARG A 289 -9.91 -7.37 -13.48
N ALA A 290 -10.81 -8.25 -13.95
CA ALA A 290 -11.76 -7.89 -14.98
C ALA A 290 -12.76 -6.84 -14.49
N ALA A 291 -13.22 -6.98 -13.26
CA ALA A 291 -14.18 -6.04 -12.73
C ALA A 291 -13.57 -4.66 -12.51
N VAL A 292 -12.34 -4.62 -11.99
CA VAL A 292 -11.64 -3.37 -11.85
C VAL A 292 -11.44 -2.71 -13.22
N ALA A 293 -11.02 -3.52 -14.21
CA ALA A 293 -10.80 -2.98 -15.54
C ALA A 293 -12.11 -2.38 -16.08
N LYS A 294 -13.21 -3.14 -15.99
CA LYS A 294 -14.48 -2.70 -16.55
C LYS A 294 -15.03 -1.48 -15.84
N ASP A 295 -14.98 -1.47 -14.52
CA ASP A 295 -15.65 -0.43 -13.75
C ASP A 295 -14.80 0.81 -13.53
N LEU A 296 -13.48 0.65 -13.50
CA LEU A 296 -12.59 1.68 -12.98
C LEU A 296 -11.46 2.08 -13.90
N ASP A 297 -11.11 1.31 -14.92
CA ASP A 297 -9.94 1.59 -15.76
C ASP A 297 -10.39 2.28 -17.01
N VAL A 298 -9.99 3.53 -17.20
CA VAL A 298 -10.30 4.28 -18.41
C VAL A 298 -8.97 4.57 -19.11
N ASP A 299 -8.80 3.95 -20.26
CA ASP A 299 -7.62 4.16 -21.10
C ASP A 299 -6.31 3.86 -20.45
N GLY A 300 -6.31 3.00 -19.43
CA GLY A 300 -5.09 2.65 -18.72
C GLY A 300 -4.96 3.34 -17.38
N GLY A 301 -5.77 4.36 -17.11
CA GLY A 301 -5.76 5.10 -15.86
C GLY A 301 -6.85 4.60 -14.94
N VAL A 302 -6.48 4.10 -13.75
CA VAL A 302 -7.43 3.41 -12.88
C VAL A 302 -7.95 4.35 -11.79
N HIS A 303 -9.27 4.47 -11.72
CA HIS A 303 -9.95 5.18 -10.66
C HIS A 303 -9.96 4.38 -9.35
N ARG A 304 -10.16 5.08 -8.24
CA ARG A 304 -10.19 4.43 -6.94
C ARG A 304 -11.49 3.64 -6.70
N PHE A 305 -12.63 4.28 -6.95
CA PHE A 305 -13.93 3.62 -6.75
C PHE A 305 -14.97 4.55 -7.37
N ALA A 306 -16.11 4.00 -7.76
CA ALA A 306 -17.06 4.75 -8.59
C ALA A 306 -17.59 5.98 -7.90
N ALA A 307 -17.74 5.90 -6.60
CA ALA A 307 -18.28 7.00 -5.84
C ALA A 307 -17.26 8.10 -5.48
N ASP A 308 -16.02 7.98 -5.96
CA ASP A 308 -14.95 8.86 -5.50
C ASP A 308 -15.12 10.29 -6.02
N VAL A 309 -15.14 11.25 -5.09
CA VAL A 309 -15.24 12.65 -5.42
C VAL A 309 -13.98 13.48 -5.12
N PHE A 310 -12.95 12.82 -4.62
CA PHE A 310 -11.72 13.51 -4.24
C PHE A 310 -11.01 14.00 -5.47
N TYR A 311 -10.86 15.32 -5.61
CA TYR A 311 -10.37 15.93 -6.81
C TYR A 311 -11.19 15.56 -8.03
N GLY A 312 -12.50 15.25 -7.81
CA GLY A 312 -13.35 14.82 -8.86
C GLY A 312 -13.28 13.36 -9.26
N GLY A 313 -12.47 12.56 -8.53
CA GLY A 313 -12.31 11.18 -8.87
C GLY A 313 -11.49 10.94 -10.12
N GLY A 314 -10.20 11.27 -10.06
CA GLY A 314 -9.30 11.10 -11.17
C GLY A 314 -8.66 9.74 -11.23
N GLN A 315 -7.68 9.61 -12.12
CA GLN A 315 -7.01 8.36 -12.46
C GLN A 315 -5.69 8.30 -11.72
N TRP A 316 -5.49 7.25 -10.94
CA TRP A 316 -4.35 7.17 -10.03
C TRP A 316 -3.22 6.32 -10.58
N ILE A 317 -2.03 6.94 -10.64
CA ILE A 317 -0.84 6.27 -11.12
C ILE A 317 -0.58 4.96 -10.37
N LEU A 318 -0.67 5.02 -9.03
CA LEU A 318 -0.33 3.85 -8.23
C LEU A 318 -1.29 2.70 -8.50
N LEU A 319 -2.55 3.01 -8.85
CA LEU A 319 -3.52 1.99 -9.12
C LEU A 319 -3.34 1.39 -10.51
N SER A 320 -2.97 2.20 -11.49
CA SER A 320 -2.59 1.64 -12.78
C SER A 320 -1.38 0.74 -12.66
N ALA A 321 -0.43 1.14 -11.81
CA ALA A 321 0.74 0.33 -11.57
C ALA A 321 0.36 -0.99 -10.90
N LEU A 322 -0.51 -0.91 -9.88
CA LEU A 322 -0.95 -2.09 -9.17
C LEU A 322 -1.66 -3.08 -10.12
N LEU A 323 -2.55 -2.55 -10.98
CA LEU A 323 -3.22 -3.43 -11.91
C LEU A 323 -2.21 -4.01 -12.89
N GLY A 324 -1.29 -3.19 -13.40
CA GLY A 324 -0.27 -3.71 -14.29
C GLY A 324 0.57 -4.82 -13.68
N TRP A 325 0.94 -4.64 -12.41
CA TRP A 325 1.72 -5.65 -11.67
C TRP A 325 0.95 -6.96 -11.63
N ASN A 326 -0.35 -6.86 -11.32
CA ASN A 326 -1.22 -8.01 -11.27
C ASN A 326 -1.40 -8.68 -12.64
N LEU A 327 -1.50 -7.88 -13.69
CA LEU A 327 -1.59 -8.46 -15.03
C LEU A 327 -0.30 -9.18 -15.40
N ALA A 328 0.86 -8.59 -15.08
CA ALA A 328 2.14 -9.25 -15.36
C ALA A 328 2.20 -10.59 -14.63
N ALA A 329 1.80 -10.61 -13.37
CA ALA A 329 1.86 -11.83 -12.57
C ALA A 329 0.94 -12.90 -13.11
N ALA A 330 -0.13 -12.54 -13.77
CA ALA A 330 -1.07 -13.48 -14.36
C ALA A 330 -0.68 -13.89 -15.79
N GLY A 331 0.44 -13.37 -16.29
CA GLY A 331 0.89 -13.71 -17.62
C GLY A 331 0.43 -12.77 -18.71
N ASP A 332 -0.31 -11.73 -18.39
CA ASP A 332 -0.78 -10.75 -19.36
C ASP A 332 0.24 -9.63 -19.48
N THR A 333 1.37 -9.94 -20.11
CA THR A 333 2.44 -9.01 -20.26
C THR A 333 2.01 -7.79 -21.06
N ALA A 334 1.24 -8.01 -22.12
CA ALA A 334 0.81 -6.88 -22.94
C ALA A 334 -0.06 -5.92 -22.12
N GLY A 335 -0.95 -6.46 -21.29
CA GLY A 335 -1.79 -5.61 -20.47
C GLY A 335 -0.97 -4.86 -19.45
N ALA A 336 0.03 -5.53 -18.86
CA ALA A 336 0.94 -4.87 -17.94
C ALA A 336 1.65 -3.71 -18.63
N LEU A 337 2.17 -3.94 -19.83
CA LEU A 337 2.87 -2.92 -20.57
C LEU A 337 1.96 -1.73 -20.90
N ARG A 338 0.70 -1.98 -21.25
CA ARG A 338 -0.19 -0.89 -21.57
C ARG A 338 -0.32 0.06 -20.35
N HIS A 339 -0.42 -0.53 -19.16
CA HIS A 339 -0.52 0.28 -17.95
C HIS A 339 0.78 1.01 -17.61
N LEU A 340 1.92 0.34 -17.85
CA LEU A 340 3.21 1.00 -17.67
C LEU A 340 3.34 2.21 -18.59
N ARG A 341 2.94 2.06 -19.85
CA ARG A 341 2.99 3.15 -20.82
C ARG A 341 2.09 4.31 -20.39
N TRP A 342 0.89 3.98 -19.90
CA TRP A 342 -0.01 5.06 -19.44
C TRP A 342 0.65 5.85 -18.31
N ILE A 343 1.23 5.15 -17.34
CA ILE A 343 1.88 5.84 -16.23
C ILE A 343 2.97 6.77 -16.76
N ALA A 344 3.81 6.26 -17.66
CA ALA A 344 4.92 7.07 -18.16
C ALA A 344 4.39 8.35 -18.83
N ASP A 345 3.24 8.27 -19.48
CA ASP A 345 2.64 9.43 -20.11
C ASP A 345 2.15 10.47 -19.12
N GLN A 346 2.11 10.16 -17.84
CA GLN A 346 1.68 11.13 -16.84
C GLN A 346 2.81 11.86 -16.18
N ALA A 347 4.07 11.50 -16.49
CA ALA A 347 5.20 12.19 -15.91
C ALA A 347 5.28 13.62 -16.44
N ASP A 348 5.57 14.56 -15.57
CA ASP A 348 5.73 15.95 -15.99
C ASP A 348 7.08 16.19 -16.61
N ALA A 349 7.35 17.46 -16.94
CA ALA A 349 8.62 17.76 -17.63
C ALA A 349 9.89 17.41 -16.88
N ASP A 350 9.78 17.33 -15.54
CA ASP A 350 10.89 16.91 -14.70
C ASP A 350 10.94 15.42 -14.50
N GLY A 351 9.93 14.69 -14.97
CA GLY A 351 9.85 13.24 -14.68
C GLY A 351 9.00 12.90 -13.52
N ASP A 352 8.47 13.92 -12.82
CA ASP A 352 7.69 13.64 -11.59
C ASP A 352 6.33 13.07 -11.92
N LEU A 353 5.89 12.14 -11.07
CA LEU A 353 4.59 11.51 -11.23
C LEU A 353 3.63 12.03 -10.18
N PRO A 354 2.46 12.48 -10.60
CA PRO A 354 1.46 12.96 -9.64
C PRO A 354 0.77 11.77 -8.94
N ALA A 355 -0.02 12.08 -7.92
CA ALA A 355 -0.87 11.06 -7.34
C ALA A 355 -1.92 10.60 -8.34
N GLN A 356 -2.51 11.56 -9.06
CA GLN A 356 -3.61 11.29 -9.97
C GLN A 356 -3.65 12.33 -11.06
N VAL A 357 -4.34 12.04 -12.13
CA VAL A 357 -4.54 12.99 -13.24
C VAL A 357 -6.01 13.04 -13.56
N PRO A 358 -6.47 14.14 -14.16
CA PRO A 358 -7.90 14.39 -14.40
C PRO A 358 -8.33 14.12 -15.82
N HIS A 359 -7.63 13.28 -16.62
CA HIS A 359 -8.02 13.08 -18.01
C HIS A 359 -9.44 12.54 -18.09
N HIS A 360 -9.79 11.63 -17.16
CA HIS A 360 -11.17 11.23 -16.98
C HIS A 360 -11.47 11.43 -15.49
N LEU A 361 -12.64 12.07 -15.23
CA LEU A 361 -13.11 12.34 -13.87
C LEU A 361 -14.45 11.67 -13.67
N LEU A 362 -14.61 10.92 -12.56
CA LEU A 362 -15.90 10.31 -12.24
C LEU A 362 -16.95 11.31 -11.85
N HIS A 363 -16.52 12.37 -11.20
CA HIS A 363 -17.46 13.36 -10.65
C HIS A 363 -16.87 14.71 -10.86
N PRO A 364 -16.85 15.20 -12.10
CA PRO A 364 -16.06 16.40 -12.42
C PRO A 364 -16.46 17.63 -11.62
N GLY A 365 -17.76 17.75 -11.25
CA GLY A 365 -18.17 18.95 -10.49
C GLY A 365 -17.55 19.14 -9.15
N SER A 366 -16.97 17.99 -8.64
CA SER A 366 -16.38 17.98 -7.27
C SER A 366 -14.94 18.46 -7.27
N ARG A 367 -14.28 18.57 -8.42
CA ARG A 367 -12.87 18.80 -8.50
C ARG A 367 -12.46 20.16 -8.01
N ALA A 368 -13.19 21.16 -8.47
CA ALA A 368 -12.57 22.56 -8.29
C ALA A 368 -12.39 22.92 -6.57
N GLU A 369 -13.45 22.33 -5.86
CA GLU A 369 -13.37 22.57 -4.43
C GLU A 369 -12.20 22.01 -3.72
N TRP A 370 -11.79 20.80 -4.19
CA TRP A 370 -10.52 20.25 -3.70
C TRP A 370 -9.42 21.09 -4.15
N VAL A 371 -9.35 21.50 -5.38
CA VAL A 371 -8.23 22.35 -5.80
C VAL A 371 -8.21 23.69 -5.03
N ALA A 372 -9.41 24.24 -4.73
CA ALA A 372 -9.47 25.57 -4.00
C ALA A 372 -8.94 25.43 -2.59
N ARG A 373 -9.28 24.26 -1.97
CA ARG A 373 -8.90 24.02 -0.59
C ARG A 373 -7.42 23.66 -0.33
N TRP A 374 -6.95 22.76 -1.17
CA TRP A 374 -5.66 22.07 -0.95
C TRP A 374 -4.63 22.32 -2.03
N GLY A 375 -5.02 22.98 -3.08
CA GLY A 375 -4.13 23.23 -4.19
C GLY A 375 -4.06 22.08 -5.19
N THR A 376 -3.16 22.21 -6.14
CA THR A 376 -3.02 21.25 -7.17
C THR A 376 -2.57 19.89 -6.61
N VAL A 377 -2.90 18.81 -7.34
CA VAL A 377 -2.61 17.46 -6.93
C VAL A 377 -1.16 17.24 -6.56
N ALA A 378 -0.92 16.50 -5.51
CA ALA A 378 0.44 16.18 -5.06
C ALA A 378 1.30 15.61 -6.18
N THR A 379 2.44 16.28 -6.38
N THR A 379 2.44 16.28 -6.40
CA THR A 379 3.40 15.87 -7.38
CA THR A 379 3.41 15.87 -7.41
C THR A 379 4.75 16.36 -6.94
C THR A 379 4.78 16.38 -7.00
N PRO A 380 5.77 15.51 -6.85
CA PRO A 380 5.71 14.04 -6.99
C PRO A 380 5.01 13.41 -5.78
N LEU A 381 4.31 12.32 -6.03
CA LEU A 381 3.89 11.43 -4.95
C LEU A 381 4.91 10.30 -4.91
N LEU A 382 5.62 10.14 -3.78
CA LEU A 382 6.67 9.12 -3.76
C LEU A 382 6.09 7.72 -4.08
N TRP A 383 4.90 7.42 -3.55
CA TRP A 383 4.29 6.13 -3.80
C TRP A 383 4.07 5.90 -5.29
N SER A 384 3.73 6.95 -6.06
CA SER A 384 3.62 6.78 -7.51
C SER A 384 4.94 6.26 -8.10
N HIS A 385 6.06 6.88 -7.70
CA HIS A 385 7.35 6.47 -8.15
C HIS A 385 7.74 5.08 -7.66
N GLY A 386 7.40 4.75 -6.40
CA GLY A 386 7.68 3.43 -5.92
C GLY A 386 6.95 2.37 -6.71
N MET A 387 5.67 2.61 -7.00
CA MET A 387 4.91 1.64 -7.77
C MET A 387 5.40 1.51 -9.20
N TYR A 388 5.82 2.63 -9.80
CA TYR A 388 6.43 2.59 -11.12
C TYR A 388 7.64 1.66 -11.11
N LEU A 389 8.50 1.81 -10.11
CA LEU A 389 9.67 0.95 -10.00
C LEU A 389 9.30 -0.52 -9.87
N ILE A 390 8.28 -0.83 -9.08
CA ILE A 390 7.85 -2.23 -8.94
C ILE A 390 7.40 -2.77 -10.29
N LEU A 391 6.53 -2.07 -10.99
CA LEU A 391 6.02 -2.59 -12.27
C LEU A 391 7.14 -2.71 -13.29
N ALA A 392 7.99 -1.68 -13.37
CA ALA A 392 9.13 -1.75 -14.29
C ALA A 392 9.99 -2.97 -14.00
N ASP A 393 10.24 -3.24 -12.71
CA ASP A 393 11.02 -4.40 -12.34
C ASP A 393 10.34 -5.71 -12.71
N GLU A 394 9.02 -5.79 -12.48
CA GLU A 394 8.27 -6.97 -12.88
C GLU A 394 8.40 -7.26 -14.35
N LEU A 395 8.53 -6.22 -15.17
CA LEU A 395 8.61 -6.35 -16.62
C LEU A 395 10.08 -6.39 -17.06
N GLY A 396 11.05 -6.49 -16.14
CA GLY A 396 12.47 -6.71 -16.48
C GLY A 396 13.13 -5.49 -17.00
N LEU A 397 12.66 -4.32 -16.65
CA LEU A 397 13.13 -3.08 -17.23
C LEU A 397 13.99 -2.23 -16.35
N LEU A 398 14.44 -2.77 -15.20
CA LEU A 398 15.23 -1.91 -14.36
C LEU A 398 16.67 -1.92 -15.05
N PRO A 399 17.22 -0.71 -15.41
CA PRO A 399 18.57 -0.63 -16.04
C PRO A 399 19.68 -0.87 -15.02
#